data_5SC6
#
_entry.id   5SC6
#
_cell.length_a   30.994
_cell.length_b   82.335
_cell.length_c   32.362
_cell.angle_alpha   90.000
_cell.angle_beta   117.850
_cell.angle_gamma   90.000
#
_symmetry.space_group_name_H-M   'P 1 21 1'
#
loop_
_entity.id
_entity.type
_entity.pdbx_description
1 polymer 'CD44 antigen'
2 non-polymer 'methyl (2S,3R)-1-(methanesulfonyl)-3-methylpiperidine-2-carboxylate'
3 non-polymer 'DIMETHYL SULFOXIDE'
4 non-polymer 1,2-ETHANEDIOL
5 water water
#
_entity_poly.entity_id   1
_entity_poly.type   'polypeptide(L)'
_entity_poly.pdbx_seq_one_letter_code
;MNQIDLNVTCRYAGVFHVEKNGRYSISRTEAADLCQAFNSTLPTMDQMKLALSKGFETCRYGFIEGNVVIPRIHPNAICA
ANHTGVYILVTSNTSHYDTYCFNASAPPEEDCTSVTDLPNSFDGPVTITIVNRDGTRYSKKGEYRTHQEDID
;
_entity_poly.pdbx_strand_id   A
#
loop_
_chem_comp.id
_chem_comp.type
_chem_comp.name
_chem_comp.formula
8CH non-polymer 'methyl (2S,3R)-1-(methanesulfonyl)-3-methylpiperidine-2-carboxylate' 'C9 H17 N O4 S'
DMS non-polymer 'DIMETHYL SULFOXIDE' 'C2 H6 O S'
EDO non-polymer 1,2-ETHANEDIOL 'C2 H6 O2'
#
# COMPACT_ATOMS: atom_id res chain seq x y z
N ASN A 2 19.77 8.42 3.80
CA ASN A 2 18.38 8.77 4.11
C ASN A 2 17.46 8.35 2.97
N GLN A 3 17.06 7.08 2.97
CA GLN A 3 16.31 6.55 1.86
C GLN A 3 15.11 5.71 2.33
N ILE A 4 14.00 5.75 1.56
CA ILE A 4 12.84 4.91 1.80
C ILE A 4 12.48 4.22 0.49
N ASP A 5 12.32 2.89 0.50
N ASP A 5 12.31 2.89 0.49
CA ASP A 5 11.88 2.14 -0.68
CA ASP A 5 11.91 2.14 -0.70
C ASP A 5 10.41 1.83 -0.48
C ASP A 5 10.44 1.75 -0.53
N LEU A 6 9.58 2.09 -1.49
CA LEU A 6 8.15 1.77 -1.43
C LEU A 6 7.84 0.80 -2.55
N ASN A 7 7.62 -0.48 -2.24
CA ASN A 7 7.26 -1.45 -3.28
C ASN A 7 5.76 -1.37 -3.51
N VAL A 8 5.32 -1.19 -4.78
CA VAL A 8 3.89 -1.05 -5.08
C VAL A 8 3.44 -2.12 -6.06
N THR A 9 2.12 -2.36 -6.07
CA THR A 9 1.53 -3.36 -6.94
C THR A 9 0.71 -2.71 -8.08
N CYS A 10 0.14 -3.56 -8.96
CA CYS A 10 -0.94 -3.25 -9.88
C CYS A 10 -2.06 -2.58 -9.04
N ARG A 11 -2.90 -1.79 -9.69
CA ARG A 11 -4.08 -1.26 -9.04
C ARG A 11 -5.27 -2.10 -9.53
N TYR A 12 -6.24 -2.32 -8.63
CA TYR A 12 -7.44 -3.09 -8.99
C TYR A 12 -8.59 -2.25 -8.52
N ALA A 13 -9.39 -1.68 -9.44
CA ALA A 13 -10.43 -0.73 -9.05
C ALA A 13 -9.87 0.42 -8.18
N GLY A 14 -8.65 0.87 -8.48
CA GLY A 14 -7.95 1.93 -7.76
C GLY A 14 -7.20 1.54 -6.51
N VAL A 15 -7.32 0.29 -6.07
CA VAL A 15 -6.69 -0.15 -4.83
C VAL A 15 -5.37 -0.80 -5.13
N PHE A 16 -4.37 -0.50 -4.27
CA PHE A 16 -3.04 -1.09 -4.40
C PHE A 16 -2.34 -1.30 -3.08
N HIS A 17 -1.28 -2.14 -3.06
CA HIS A 17 -0.52 -2.46 -1.87
C HIS A 17 0.82 -1.75 -1.88
N VAL A 18 1.25 -1.25 -0.73
CA VAL A 18 2.51 -0.57 -0.57
C VAL A 18 3.26 -1.19 0.58
N GLU A 19 4.46 -1.72 0.32
CA GLU A 19 5.30 -2.26 1.37
C GLU A 19 6.54 -1.37 1.50
N LYS A 20 6.84 -0.89 2.73
CA LYS A 20 7.97 -0.01 2.97
CA LYS A 20 7.98 -0.02 2.95
C LYS A 20 9.23 -0.74 3.43
N ASN A 21 10.37 -0.48 2.78
CA ASN A 21 11.68 -1.04 3.16
C ASN A 21 11.71 -2.54 3.39
N GLY A 22 10.96 -3.27 2.58
CA GLY A 22 10.94 -4.74 2.59
C GLY A 22 10.58 -5.39 3.90
N ARG A 23 9.85 -4.68 4.77
CA ARG A 23 9.40 -5.25 6.03
CA ARG A 23 9.43 -5.21 6.08
C ARG A 23 8.15 -4.52 6.54
N TYR A 24 7.39 -5.15 7.48
CA TYR A 24 6.21 -4.52 8.09
C TYR A 24 6.77 -3.40 8.94
N SER A 25 6.49 -2.17 8.55
CA SER A 25 7.13 -1.00 9.16
C SER A 25 6.34 0.28 9.08
N ILE A 26 5.06 0.17 8.76
CA ILE A 26 4.19 1.34 8.66
C ILE A 26 3.19 1.40 9.81
N SER A 27 3.08 2.54 10.49
CA SER A 27 2.05 2.73 11.52
C SER A 27 0.75 3.22 10.88
N ARG A 28 -0.37 3.20 11.61
CA ARG A 28 -1.63 3.68 11.03
C ARG A 28 -1.52 5.15 10.63
N THR A 29 -0.86 5.98 11.44
CA THR A 29 -0.73 7.42 11.08
C THR A 29 0.10 7.59 9.84
N GLU A 30 1.20 6.85 9.74
CA GLU A 30 2.08 6.92 8.57
CA GLU A 30 2.06 6.94 8.58
C GLU A 30 1.35 6.46 7.33
N ALA A 31 0.54 5.42 7.45
CA ALA A 31 -0.17 4.86 6.33
C ALA A 31 -1.09 5.89 5.65
N ALA A 32 -1.82 6.68 6.43
CA ALA A 32 -2.69 7.70 5.85
C ALA A 32 -1.86 8.79 5.15
N ASP A 33 -0.69 9.15 5.72
CA ASP A 33 0.18 10.16 5.11
C ASP A 33 0.79 9.66 3.82
N LEU A 34 1.16 8.37 3.82
CA LEU A 34 1.77 7.74 2.65
CA LEU A 34 1.77 7.69 2.67
C LEU A 34 0.77 7.69 1.52
N CYS A 35 -0.49 7.26 1.79
CA CYS A 35 -1.50 7.22 0.72
C CYS A 35 -1.76 8.65 0.19
N GLN A 36 -1.73 9.63 1.09
CA GLN A 36 -1.96 11.04 0.69
C GLN A 36 -0.87 11.50 -0.29
N ALA A 37 0.37 11.02 -0.14
CA ALA A 37 1.42 11.35 -1.10
C ALA A 37 1.16 10.77 -2.49
N PHE A 38 0.38 9.66 -2.57
CA PHE A 38 0.03 9.10 -3.88
C PHE A 38 -1.35 9.66 -4.34
N ASN A 39 -1.80 10.83 -3.80
CA ASN A 39 -3.13 11.37 -4.08
C ASN A 39 -4.23 10.31 -3.84
N SER A 40 -4.03 9.57 -2.75
CA SER A 40 -4.87 8.43 -2.45
C SER A 40 -5.30 8.46 -0.98
N THR A 41 -6.18 7.54 -0.61
CA THR A 41 -6.69 7.43 0.76
C THR A 41 -6.64 5.96 1.18
N LEU A 42 -6.81 5.67 2.50
CA LEU A 42 -6.92 4.26 2.89
CA LEU A 42 -6.94 4.26 2.92
C LEU A 42 -8.22 3.72 2.31
N PRO A 43 -8.22 2.52 1.72
CA PRO A 43 -9.47 2.02 1.14
C PRO A 43 -10.55 1.74 2.18
N THR A 44 -11.83 1.90 1.80
CA THR A 44 -12.89 1.45 2.71
C THR A 44 -12.97 -0.06 2.48
N MET A 45 -13.62 -0.79 3.39
CA MET A 45 -13.86 -2.21 3.20
C MET A 45 -14.59 -2.47 1.89
N ASP A 46 -15.62 -1.64 1.55
CA ASP A 46 -16.32 -1.85 0.27
C ASP A 46 -15.36 -1.69 -0.92
N GLN A 47 -14.50 -0.66 -0.90
CA GLN A 47 -13.56 -0.48 -2.02
C GLN A 47 -12.64 -1.69 -2.15
N MET A 48 -12.16 -2.22 -1.00
CA MET A 48 -11.27 -3.39 -1.01
C MET A 48 -12.01 -4.62 -1.55
N LYS A 49 -13.28 -4.81 -1.17
CA LYS A 49 -14.04 -5.99 -1.68
C LYS A 49 -14.20 -5.90 -3.20
N LEU A 50 -14.44 -4.69 -3.74
CA LEU A 50 -14.56 -4.57 -5.19
C LEU A 50 -13.21 -4.85 -5.87
N ALA A 51 -12.10 -4.38 -5.24
CA ALA A 51 -10.76 -4.63 -5.79
C ALA A 51 -10.49 -6.13 -5.82
N LEU A 52 -10.85 -6.85 -4.75
CA LEU A 52 -10.72 -8.30 -4.67
CA LEU A 52 -10.68 -8.29 -4.71
C LEU A 52 -11.48 -8.97 -5.84
N SER A 53 -12.72 -8.55 -6.07
CA SER A 53 -13.54 -9.15 -7.13
C SER A 53 -12.93 -8.96 -8.54
N LYS A 54 -12.12 -7.90 -8.70
CA LYS A 54 -11.44 -7.62 -9.98
C LYS A 54 -10.10 -8.35 -10.15
N GLY A 55 -9.65 -9.07 -9.13
CA GLY A 55 -8.41 -9.83 -9.22
C GLY A 55 -7.31 -9.54 -8.22
N PHE A 56 -7.59 -8.66 -7.24
CA PHE A 56 -6.57 -8.29 -6.26
C PHE A 56 -6.40 -9.29 -5.13
N GLU A 57 -5.19 -9.78 -4.93
CA GLU A 57 -4.84 -10.56 -3.75
C GLU A 57 -3.39 -10.30 -3.39
N THR A 58 -3.06 -10.33 -2.10
CA THR A 58 -1.68 -10.23 -1.60
C THR A 58 -1.50 -11.29 -0.54
N CYS A 59 -0.26 -11.45 -0.05
CA CYS A 59 -0.01 -12.32 1.09
C CYS A 59 0.59 -11.48 2.25
N ARG A 60 0.16 -10.21 2.38
CA ARG A 60 0.71 -9.33 3.39
C ARG A 60 -0.40 -8.55 4.12
N TYR A 61 -0.25 -8.37 5.43
CA TYR A 61 -1.20 -7.55 6.18
C TYR A 61 -0.99 -6.09 5.87
N GLY A 62 -2.06 -5.37 5.65
CA GLY A 62 -1.94 -3.94 5.44
C GLY A 62 -3.18 -3.19 5.90
N PHE A 63 -3.01 -1.90 6.22
CA PHE A 63 -4.13 -1.10 6.70
C PHE A 63 -5.11 -0.82 5.59
N ILE A 64 -6.40 -0.82 5.96
CA ILE A 64 -7.48 -0.17 5.25
C ILE A 64 -8.15 0.77 6.30
N GLU A 65 -9.23 1.45 5.93
CA GLU A 65 -9.94 2.24 6.93
C GLU A 65 -10.61 1.31 7.96
N GLY A 66 -10.18 1.43 9.19
CA GLY A 66 -10.78 0.68 10.28
C GLY A 66 -10.21 -0.67 10.64
N ASN A 67 -9.47 -1.33 9.72
CA ASN A 67 -8.94 -2.66 10.03
C ASN A 67 -7.59 -2.91 9.37
N VAL A 68 -6.95 -4.03 9.70
CA VAL A 68 -5.73 -4.50 9.05
C VAL A 68 -6.14 -5.82 8.33
N VAL A 69 -5.94 -5.89 6.97
CA VAL A 69 -6.49 -7.03 6.24
C VAL A 69 -5.49 -7.63 5.24
N ILE A 70 -5.84 -8.83 4.72
CA ILE A 70 -5.19 -9.48 3.58
C ILE A 70 -6.28 -9.86 2.55
N PRO A 71 -6.29 -9.29 1.32
CA PRO A 71 -7.27 -9.74 0.33
C PRO A 71 -6.76 -11.08 -0.24
N ARG A 72 -7.63 -12.13 -0.22
CA ARG A 72 -7.31 -13.46 -0.76
C ARG A 72 -8.30 -13.96 -1.81
N ILE A 73 -7.78 -14.47 -2.93
CA ILE A 73 -8.65 -15.09 -3.91
C ILE A 73 -8.42 -16.60 -3.81
N HIS A 74 -7.15 -17.04 -3.85
CA HIS A 74 -6.85 -18.47 -3.84
C HIS A 74 -6.45 -18.92 -2.48
N PRO A 75 -6.93 -20.09 -2.03
CA PRO A 75 -6.52 -20.55 -0.69
C PRO A 75 -5.05 -20.94 -0.69
N ASN A 76 -4.29 -20.37 0.22
CA ASN A 76 -2.88 -20.69 0.39
C ASN A 76 -2.67 -20.86 1.88
N ALA A 77 -2.12 -22.01 2.31
CA ALA A 77 -1.92 -22.35 3.71
C ALA A 77 -1.13 -21.31 4.52
N ILE A 78 -0.17 -20.63 3.91
CA ILE A 78 0.63 -19.63 4.63
C ILE A 78 0.17 -18.18 4.37
N CYS A 79 -0.98 -17.98 3.68
CA CYS A 79 -1.48 -16.63 3.45
C CYS A 79 -2.85 -16.54 4.05
N ALA A 80 -2.97 -15.80 5.17
CA ALA A 80 -4.22 -15.63 5.92
C ALA A 80 -4.85 -16.99 6.32
N ALA A 81 -4.04 -17.95 6.78
CA ALA A 81 -4.56 -19.25 7.24
C ALA A 81 -5.53 -19.96 6.26
N ASN A 82 -5.23 -19.93 4.94
CA ASN A 82 -5.99 -20.60 3.89
C ASN A 82 -7.37 -20.02 3.60
N HIS A 83 -7.63 -18.81 4.09
CA HIS A 83 -8.92 -18.17 3.91
C HIS A 83 -9.01 -17.52 2.55
N THR A 84 -10.23 -17.29 2.09
CA THR A 84 -10.47 -16.49 0.86
C THR A 84 -11.29 -15.28 1.27
N GLY A 85 -11.40 -14.29 0.38
CA GLY A 85 -12.09 -13.05 0.68
C GLY A 85 -11.19 -12.04 1.36
N VAL A 86 -11.74 -10.93 1.86
CA VAL A 86 -10.91 -9.97 2.59
C VAL A 86 -10.75 -10.55 4.02
N TYR A 87 -9.56 -11.07 4.34
CA TYR A 87 -9.32 -11.63 5.65
C TYR A 87 -8.95 -10.51 6.59
N ILE A 88 -9.65 -10.45 7.74
CA ILE A 88 -9.43 -9.41 8.70
C ILE A 88 -8.56 -9.91 9.85
N LEU A 89 -7.48 -9.19 10.16
CA LEU A 89 -6.63 -9.54 11.30
C LEU A 89 -7.44 -9.25 12.58
N VAL A 90 -7.56 -10.26 13.46
CA VAL A 90 -8.32 -10.14 14.71
C VAL A 90 -7.38 -9.94 15.89
N THR A 91 -6.33 -10.77 16.05
CA THR A 91 -5.52 -10.68 17.24
C THR A 91 -4.07 -10.55 16.91
N SER A 92 -3.47 -9.47 17.37
CA SER A 92 -2.03 -9.25 17.18
C SER A 92 -1.48 -8.42 18.35
N ASN A 93 -0.23 -8.70 18.75
CA ASN A 93 0.37 -7.85 19.81
C ASN A 93 0.83 -6.51 19.25
N THR A 94 1.15 -6.46 17.94
CA THR A 94 1.94 -5.40 17.32
C THR A 94 1.19 -4.44 16.39
N SER A 95 1.78 -3.26 16.15
CA SER A 95 1.12 -2.15 15.48
C SER A 95 1.51 -1.77 14.07
N HIS A 96 2.60 -2.34 13.55
CA HIS A 96 3.17 -1.94 12.26
C HIS A 96 2.98 -2.97 11.16
N TYR A 97 2.43 -2.52 10.03
CA TYR A 97 2.11 -3.45 8.96
C TYR A 97 2.51 -2.77 7.61
N ASP A 98 2.03 -3.27 6.47
CA ASP A 98 2.17 -2.57 5.20
C ASP A 98 0.89 -1.67 5.10
N THR A 99 0.60 -1.07 3.93
CA THR A 99 -0.68 -0.37 3.76
C THR A 99 -1.28 -0.65 2.43
N TYR A 100 -2.60 -0.47 2.36
CA TYR A 100 -3.29 -0.40 1.08
C TYR A 100 -3.65 1.07 0.87
N CYS A 101 -3.77 1.47 -0.40
CA CYS A 101 -4.13 2.84 -0.78
C CYS A 101 -5.17 2.74 -1.90
N PHE A 102 -6.05 3.78 -2.04
CA PHE A 102 -7.08 3.81 -3.04
C PHE A 102 -6.98 5.13 -3.81
N ASN A 103 -6.82 5.07 -5.15
CA ASN A 103 -6.76 6.26 -5.99
C ASN A 103 -7.98 6.27 -6.88
N ALA A 104 -8.88 7.21 -6.64
CA ALA A 104 -10.12 7.29 -7.37
C ALA A 104 -9.99 7.50 -8.85
N SER A 105 -8.87 8.06 -9.33
CA SER A 105 -8.66 8.38 -10.76
CA SER A 105 -8.70 8.36 -10.76
C SER A 105 -8.00 7.27 -11.55
N ALA A 106 -7.71 6.11 -10.90
CA ALA A 106 -7.10 4.95 -11.55
C ALA A 106 -8.20 4.25 -12.38
N PRO A 107 -7.81 3.34 -13.29
CA PRO A 107 -8.82 2.63 -14.09
C PRO A 107 -9.76 1.73 -13.26
N PRO A 108 -10.96 1.47 -13.80
CA PRO A 108 -11.98 0.76 -13.01
C PRO A 108 -11.66 -0.70 -12.69
N GLU A 109 -10.80 -1.35 -13.51
CA GLU A 109 -10.59 -2.77 -13.31
C GLU A 109 -9.09 -3.04 -13.03
N GLU A 110 -8.40 -4.01 -13.67
CA GLU A 110 -6.99 -4.29 -13.35
C GLU A 110 -6.11 -3.31 -14.11
N ASP A 111 -5.18 -2.67 -13.40
CA ASP A 111 -4.21 -1.80 -14.05
C ASP A 111 -2.83 -2.26 -13.63
N CYS A 112 -2.18 -3.01 -14.50
CA CYS A 112 -0.82 -3.51 -14.21
C CYS A 112 0.24 -2.74 -14.94
N THR A 113 -0.01 -1.47 -15.24
CA THR A 113 1.04 -0.57 -15.68
C THR A 113 1.82 -0.17 -14.40
N SER A 114 3.02 0.34 -14.61
CA SER A 114 3.85 0.77 -13.51
C SER A 114 3.46 2.16 -12.98
N VAL A 115 3.79 2.40 -11.71
CA VAL A 115 3.62 3.68 -11.05
C VAL A 115 4.92 4.46 -11.35
N THR A 116 4.79 5.68 -11.91
CA THR A 116 5.90 6.51 -12.36
C THR A 116 6.01 7.86 -11.65
N ASP A 117 5.30 8.05 -10.52
CA ASP A 117 5.31 9.35 -9.83
C ASP A 117 4.81 9.19 -8.39
N LEU A 118 5.19 10.14 -7.54
CA LEU A 118 4.73 10.26 -6.15
C LEU A 118 4.26 11.71 -6.15
N PRO A 119 3.01 11.95 -6.62
CA PRO A 119 2.61 13.31 -6.96
C PRO A 119 2.41 14.30 -5.85
N ASN A 120 2.10 13.85 -4.64
CA ASN A 120 1.76 14.76 -3.56
C ASN A 120 2.66 14.68 -2.36
N SER A 121 3.93 14.28 -2.57
CA SER A 121 4.87 14.33 -1.45
C SER A 121 5.23 15.84 -1.30
N PHE A 122 5.81 16.18 -0.17
CA PHE A 122 6.19 17.58 0.08
C PHE A 122 7.71 17.70 0.21
N ASP A 123 8.21 18.94 0.32
CA ASP A 123 9.63 19.19 0.47
C ASP A 123 10.22 18.47 1.67
N GLY A 124 11.40 17.91 1.45
CA GLY A 124 12.10 17.21 2.53
C GLY A 124 13.39 16.64 2.06
N PRO A 125 14.08 15.96 2.99
CA PRO A 125 15.43 15.45 2.67
C PRO A 125 15.56 13.99 2.30
N VAL A 126 14.48 13.23 2.28
CA VAL A 126 14.57 11.79 2.02
C VAL A 126 14.55 11.44 0.54
N THR A 127 15.37 10.47 0.10
CA THR A 127 15.31 9.97 -1.27
C THR A 127 14.27 8.84 -1.23
N ILE A 128 13.08 9.10 -1.79
CA ILE A 128 12.01 8.10 -1.78
C ILE A 128 12.01 7.43 -3.16
N THR A 129 12.01 6.10 -3.18
CA THR A 129 12.02 5.37 -4.42
C THR A 129 10.87 4.45 -4.49
N ILE A 130 10.06 4.62 -5.52
CA ILE A 130 8.95 3.72 -5.81
CA ILE A 130 8.94 3.76 -5.80
C ILE A 130 9.52 2.60 -6.61
N VAL A 131 9.26 1.36 -6.18
CA VAL A 131 9.75 0.19 -6.84
C VAL A 131 8.59 -0.63 -7.32
N ASN A 132 8.48 -0.78 -8.63
CA ASN A 132 7.45 -1.62 -9.22
C ASN A 132 7.80 -3.09 -9.22
N ARG A 133 6.80 -3.95 -9.40
CA ARG A 133 7.02 -5.39 -9.43
CA ARG A 133 7.06 -5.39 -9.43
C ARG A 133 7.97 -5.81 -10.57
N ASP A 134 7.91 -5.06 -11.70
CA ASP A 134 8.78 -5.31 -12.83
C ASP A 134 10.17 -4.72 -12.70
N GLY A 135 10.47 -4.13 -11.53
CA GLY A 135 11.79 -3.60 -11.24
C GLY A 135 11.97 -2.15 -11.61
N THR A 136 11.03 -1.58 -12.43
CA THR A 136 11.22 -0.16 -12.80
C THR A 136 11.05 0.71 -11.60
N ARG A 137 11.84 1.79 -11.55
CA ARG A 137 11.85 2.65 -10.37
CA ARG A 137 11.86 2.65 -10.37
C ARG A 137 11.67 4.11 -10.69
N TYR A 138 11.13 4.84 -9.71
CA TYR A 138 10.96 6.28 -9.84
C TYR A 138 11.47 6.82 -8.50
N SER A 139 12.35 7.83 -8.51
CA SER A 139 12.88 8.37 -7.26
C SER A 139 12.72 9.86 -7.19
N LYS A 140 12.50 10.35 -5.98
CA LYS A 140 12.41 11.81 -5.80
CA LYS A 140 12.35 11.80 -5.80
C LYS A 140 12.82 12.18 -4.39
N LYS A 141 13.36 13.38 -4.23
CA LYS A 141 13.75 13.86 -2.92
C LYS A 141 12.50 14.51 -2.28
N GLY A 142 12.18 14.13 -1.03
CA GLY A 142 11.02 14.71 -0.38
C GLY A 142 10.74 14.18 0.99
N GLU A 143 9.47 14.28 1.38
CA GLU A 143 8.96 13.73 2.64
C GLU A 143 7.46 13.55 2.50
N TYR A 144 6.89 12.57 3.21
CA TYR A 144 5.44 12.38 3.25
C TYR A 144 4.93 12.27 4.70
N ARG A 145 5.80 12.01 5.68
CA ARG A 145 5.40 11.80 7.07
C ARG A 145 5.18 13.11 7.78
N THR A 146 3.98 13.28 8.32
CA THR A 146 3.61 14.50 9.04
C THR A 146 3.67 14.34 10.57
N HIS A 147 3.80 13.11 11.08
CA HIS A 147 3.86 12.87 12.52
C HIS A 147 5.31 12.57 12.91
N GLN A 148 5.91 13.39 13.81
CA GLN A 148 7.29 13.20 14.27
C GLN A 148 7.62 11.79 14.77
N GLU A 149 6.69 11.16 15.49
CA GLU A 149 6.92 9.81 16.02
C GLU A 149 7.07 8.74 14.94
N ASP A 150 6.63 9.02 13.71
CA ASP A 150 6.82 8.09 12.59
C ASP A 150 8.20 8.26 11.90
N ILE A 151 8.93 9.32 12.21
CA ILE A 151 10.22 9.60 11.59
C ILE A 151 11.40 9.05 12.40
C13 8CH B . 0.30 8.23 -9.18
C15 8CH B . -1.03 6.78 -7.63
C01 8CH B . -2.37 4.81 -8.36
C02 8CH B . -1.04 5.62 -8.56
C03 8CH B . -0.82 6.00 -10.04
C04 8CH B . -2.06 6.32 -10.81
O05 8CH B . -2.53 5.44 -11.79
C06 8CH B . -1.82 5.55 -13.01
O07 8CH B . -2.63 7.33 -10.63
N08 8CH B . 0.22 7.15 -10.27
S09 8CH B . 1.20 7.16 -11.65
O10 8CH B . 1.20 5.82 -12.22
C11 8CH B . 0.60 8.38 -12.86
O12 8CH B . 2.60 7.42 -11.27
C14 8CH B . 0.15 7.67 -7.76
S DMS C . 4.35 -2.95 -12.67
O DMS C . 5.29 -4.04 -12.19
C1 DMS C . 4.35 -2.99 -14.44
C2 DMS C . 2.66 -3.49 -12.31
S DMS D . -13.46 -17.33 4.37
O DMS D . -12.27 -18.23 4.06
C1 DMS D . -14.57 -18.36 5.30
C2 DMS D . -14.42 -17.33 2.90
S DMS E . 15.67 12.15 -7.66
O DMS E . 15.95 11.14 -6.62
C1 DMS E . 16.07 11.34 -9.20
C2 DMS E . 17.03 13.27 -7.59
C1 EDO F . -8.58 8.95 -3.51
O1 EDO F . -7.99 9.78 -4.52
C2 EDO F . -9.75 9.65 -2.78
O2 EDO F . -10.48 8.72 -1.97
#